data_3E4Q
#
_entry.id   3E4Q
#
_cell.length_a   57.988
_cell.length_b   38.735
_cell.length_c   111.172
_cell.angle_alpha   90.00
_cell.angle_beta   94.47
_cell.angle_gamma   90.00
#
_symmetry.space_group_name_H-M   'P 1 21 1'
#
loop_
_entity.id
_entity.type
_entity.pdbx_description
1 polymer 'C4-dicarboxylate transport sensor protein dctB'
2 non-polymer 'CALCIUM ION'
3 water water
#
_entity_poly.entity_id   1
_entity_poly.type   'polypeptide(L)'
_entity_poly.pdbx_seq_one_letter_code
;MGSSHHHHHHSSGLVPRGSHMASMTGGEEMGRGSLLLARDYGRSQALAGLAGQSRIDASLKASLLRAVVERQRALPLVLA
DDAAIRGALLSPDRPSLDRINRKLEALATSAEAAVIYLIDRSGVAVAASNWQEPTSFVGNDYAFRDYFRLAVRDGMAEHF
AMGTVSKRPGLYISRRVDGPGGPLGVIVAKLEFDGVEADWQASGKPAYVTDRRGIVLITSLPSWRFMTTKPIAEDRLAPI
RESLQFGDAPLLPLPFRKIEARPDGSSTLDALLPGDSTAAFLRVETMVPSTNWRLEQLSPLNAPL
;
_entity_poly.pdbx_strand_id   A,B
#
loop_
_chem_comp.id
_chem_comp.type
_chem_comp.name
_chem_comp.formula
CA non-polymer 'CALCIUM ION' 'Ca 2'
#
# COMPACT_ATOMS: atom_id res chain seq x y z
N ALA A 48 0.31 -31.33 6.67
CA ALA A 48 0.02 -30.91 5.26
C ALA A 48 -1.28 -30.05 5.12
N GLY A 49 -2.25 -30.22 6.04
CA GLY A 49 -3.46 -29.37 6.04
C GLY A 49 -3.15 -27.95 6.49
N LEU A 50 -2.32 -27.84 7.54
CA LEU A 50 -1.86 -26.56 8.04
C LEU A 50 -0.92 -25.87 7.09
N ALA A 51 -0.18 -26.66 6.34
CA ALA A 51 0.81 -26.13 5.44
C ALA A 51 0.13 -25.25 4.39
N GLY A 52 -0.77 -25.81 3.57
CA GLY A 52 -1.63 -25.04 2.66
C GLY A 52 -2.21 -23.77 3.29
N GLN A 53 -3.00 -23.94 4.34
CA GLN A 53 -3.61 -22.82 5.04
C GLN A 53 -2.63 -21.71 5.37
N SER A 54 -1.49 -22.11 5.94
CA SER A 54 -0.45 -21.17 6.36
C SER A 54 0.43 -20.69 5.24
N ARG A 55 0.65 -21.50 4.20
CA ARG A 55 1.40 -21.08 3.00
C ARG A 55 0.72 -19.86 2.44
N ILE A 56 -0.61 -19.94 2.29
CA ILE A 56 -1.38 -18.87 1.66
C ILE A 56 -1.41 -17.64 2.52
N ASP A 57 -1.85 -17.79 3.77
CA ASP A 57 -1.96 -16.69 4.73
C ASP A 57 -0.73 -15.86 4.82
N ALA A 58 0.42 -16.55 4.75
CA ALA A 58 1.72 -15.88 4.85
C ALA A 58 1.99 -15.11 3.57
N SER A 59 1.82 -15.81 2.45
CA SER A 59 1.83 -15.15 1.16
C SER A 59 1.01 -13.85 1.24
N LEU A 60 -0.23 -13.94 1.71
CA LEU A 60 -1.02 -12.74 1.96
C LEU A 60 -0.24 -11.71 2.83
N LYS A 61 0.21 -12.15 3.99
CA LYS A 61 0.80 -11.24 4.91
C LYS A 61 1.96 -10.48 4.20
N ALA A 62 2.74 -11.15 3.35
CA ALA A 62 3.82 -10.48 2.57
C ALA A 62 3.25 -9.45 1.61
N SER A 63 2.34 -9.90 0.74
CA SER A 63 1.67 -9.00 -0.18
C SER A 63 1.24 -7.75 0.51
N LEU A 64 0.57 -7.87 1.64
CA LEU A 64 0.19 -6.67 2.36
C LEU A 64 1.43 -5.80 2.74
N LEU A 65 2.43 -6.47 3.30
CA LEU A 65 3.65 -5.78 3.68
C LEU A 65 4.20 -5.09 2.46
N ARG A 66 4.24 -5.84 1.37
CA ARG A 66 4.64 -5.25 0.10
C ARG A 66 3.85 -4.01 -0.25
N ALA A 67 2.54 -4.03 -0.10
CA ALA A 67 1.77 -2.87 -0.49
C ALA A 67 2.06 -1.68 0.44
N VAL A 68 2.50 -1.97 1.65
CA VAL A 68 2.59 -0.92 2.62
C VAL A 68 3.92 -0.30 2.42
N VAL A 69 4.90 -1.14 2.09
CA VAL A 69 6.24 -0.62 1.91
C VAL A 69 6.14 0.22 0.68
N GLU A 70 5.63 -0.38 -0.38
CA GLU A 70 5.54 0.31 -1.67
C GLU A 70 4.77 1.60 -1.67
N ARG A 71 3.78 1.76 -0.81
CA ARG A 71 3.12 3.03 -0.68
C ARG A 71 4.16 4.13 -0.40
N GLN A 72 5.21 3.80 0.31
CA GLN A 72 6.06 4.88 0.79
C GLN A 72 7.22 5.12 -0.14
N ARG A 73 7.62 4.03 -0.79
CA ARG A 73 8.72 4.04 -1.70
C ARG A 73 8.47 5.18 -2.65
N ALA A 74 7.24 5.31 -3.15
CA ALA A 74 6.94 6.40 -4.14
C ALA A 74 7.23 7.85 -3.72
N LEU A 75 7.33 8.18 -2.44
CA LEU A 75 7.35 9.60 -2.17
C LEU A 75 8.77 10.14 -2.40
N PRO A 76 9.78 9.54 -1.77
CA PRO A 76 11.11 9.94 -2.18
C PRO A 76 11.35 9.75 -3.68
N LEU A 77 10.84 8.69 -4.27
CA LEU A 77 11.00 8.38 -5.66
C LEU A 77 10.80 9.72 -6.37
N VAL A 78 9.60 10.27 -6.26
CA VAL A 78 9.22 11.56 -6.85
C VAL A 78 9.84 12.84 -6.19
N LEU A 79 9.80 12.90 -4.87
CA LEU A 79 10.34 14.04 -4.15
C LEU A 79 11.73 14.37 -4.61
N ALA A 80 12.59 13.36 -4.79
CA ALA A 80 13.98 13.62 -5.07
C ALA A 80 14.25 14.25 -6.43
N ASP A 81 13.21 14.31 -7.28
CA ASP A 81 13.34 14.91 -8.61
C ASP A 81 12.63 16.25 -8.77
N ASP A 82 12.05 16.71 -7.67
CA ASP A 82 11.10 17.78 -7.70
C ASP A 82 11.79 19.10 -7.58
N ALA A 83 11.64 19.95 -8.61
CA ALA A 83 12.44 21.18 -8.74
C ALA A 83 12.47 22.01 -7.47
N ALA A 84 11.34 22.06 -6.77
CA ALA A 84 11.23 22.76 -5.50
C ALA A 84 12.00 22.04 -4.33
N ILE A 85 12.15 20.70 -4.41
CA ILE A 85 13.10 20.04 -3.54
C ILE A 85 14.49 20.63 -3.84
N ARG A 86 14.83 20.69 -5.13
CA ARG A 86 16.13 21.17 -5.55
C ARG A 86 16.36 22.58 -5.05
N GLY A 87 15.59 23.52 -5.59
CA GLY A 87 15.66 24.88 -5.17
C GLY A 87 15.82 25.05 -3.69
N ALA A 88 15.03 24.35 -2.89
CA ALA A 88 15.12 24.54 -1.45
C ALA A 88 16.52 24.23 -0.96
N LEU A 89 17.13 23.19 -1.53
CA LEU A 89 18.52 22.84 -1.21
C LEU A 89 19.53 23.81 -1.84
N LEU A 90 19.28 24.40 -3.00
CA LEU A 90 20.27 25.38 -3.49
C LEU A 90 20.00 26.80 -3.01
N SER A 91 18.76 27.02 -2.58
CA SER A 91 18.40 28.30 -2.02
C SER A 91 17.70 28.07 -0.70
N PRO A 92 18.49 27.78 0.34
CA PRO A 92 18.01 27.80 1.70
C PRO A 92 17.24 29.08 2.16
N ASP A 93 16.75 29.93 1.23
CA ASP A 93 15.56 30.80 1.46
C ASP A 93 14.76 30.42 2.74
N ARG A 94 13.94 31.34 3.28
CA ARG A 94 12.96 30.93 4.32
C ARG A 94 11.53 30.76 3.77
N PRO A 95 11.18 31.43 2.64
CA PRO A 95 9.93 31.06 1.98
C PRO A 95 10.11 29.64 1.53
N SER A 96 11.31 29.39 1.02
CA SER A 96 11.57 28.12 0.47
C SER A 96 11.27 27.08 1.52
N LEU A 97 11.87 27.21 2.72
CA LEU A 97 11.76 26.16 3.77
C LEU A 97 10.36 26.12 4.39
N ASP A 98 9.73 27.28 4.49
CA ASP A 98 8.37 27.42 4.96
C ASP A 98 7.46 26.44 4.28
N ARG A 99 7.46 26.59 2.96
CA ARG A 99 6.53 25.87 2.11
C ARG A 99 6.78 24.37 2.26
N ILE A 100 8.04 24.01 2.05
CA ILE A 100 8.47 22.64 2.04
C ILE A 100 8.05 21.95 3.30
N ASN A 101 8.10 22.68 4.40
CA ASN A 101 7.60 22.13 5.61
C ASN A 101 6.17 21.66 5.53
N ARG A 102 5.18 22.53 5.32
CA ARG A 102 3.81 22.01 5.22
C ARG A 102 3.59 21.08 4.01
N LYS A 103 4.27 21.35 2.89
CA LYS A 103 4.30 20.36 1.83
C LYS A 103 4.50 18.91 2.35
N LEU A 104 5.56 18.73 3.15
CA LEU A 104 5.88 17.44 3.76
C LEU A 104 4.89 17.04 4.87
N GLU A 105 4.50 18.02 5.68
CA GLU A 105 3.42 17.74 6.62
C GLU A 105 2.21 17.09 5.94
N ALA A 106 1.69 17.76 4.90
CA ALA A 106 0.49 17.32 4.14
C ALA A 106 0.66 15.97 3.51
N LEU A 107 1.72 15.85 2.70
CA LEU A 107 2.04 14.57 2.14
C LEU A 107 2.18 13.50 3.25
N ALA A 108 2.89 13.77 4.36
CA ALA A 108 3.13 12.66 5.31
C ALA A 108 1.82 12.27 5.93
N THR A 109 0.97 13.25 6.18
CA THR A 109 -0.26 12.95 6.87
C THR A 109 -1.15 12.07 6.04
N SER A 110 -1.16 12.33 4.73
CA SER A 110 -2.02 11.60 3.81
C SER A 110 -1.36 10.24 3.62
N ALA A 111 -0.07 10.30 3.34
CA ALA A 111 0.76 9.17 3.05
C ALA A 111 0.62 8.14 4.17
N GLU A 112 0.40 8.64 5.37
CA GLU A 112 0.58 7.89 6.61
C GLU A 112 1.99 7.39 6.70
N ALA A 113 2.91 8.21 6.21
CA ALA A 113 4.32 8.07 6.58
C ALA A 113 4.45 8.70 7.97
N ALA A 114 5.35 8.14 8.78
CA ALA A 114 5.49 8.64 10.12
C ALA A 114 6.28 9.96 10.13
N VAL A 115 7.38 10.01 9.41
CA VAL A 115 7.95 11.30 9.13
C VAL A 115 8.49 11.28 7.72
N ILE A 116 8.42 12.43 7.07
CA ILE A 116 9.08 12.60 5.78
C ILE A 116 9.93 13.77 6.05
N TYR A 117 11.21 13.67 5.82
CA TYR A 117 12.03 14.86 6.06
C TYR A 117 13.13 15.04 5.01
N LEU A 118 13.81 16.20 5.00
CA LEU A 118 14.76 16.56 3.94
C LEU A 118 16.08 17.10 4.45
N ILE A 119 17.14 16.33 4.17
CA ILE A 119 18.49 16.58 4.69
C ILE A 119 19.33 17.29 3.60
N ASP A 120 20.17 18.28 3.99
CA ASP A 120 21.11 18.91 3.03
C ASP A 120 22.47 18.17 3.03
N ARG A 121 23.42 18.64 2.23
CA ARG A 121 24.62 17.88 1.91
C ARG A 121 25.46 17.59 3.15
N SER A 122 25.32 18.50 4.12
CA SER A 122 26.17 18.52 5.29
C SER A 122 25.51 17.62 6.33
N GLY A 123 24.33 17.09 6.00
CA GLY A 123 23.63 16.17 6.87
C GLY A 123 22.58 16.77 7.78
N VAL A 124 22.56 18.08 7.91
CA VAL A 124 21.59 18.75 8.74
C VAL A 124 20.28 18.67 8.04
N ALA A 125 19.24 18.32 8.76
CA ALA A 125 17.90 18.18 8.14
C ALA A 125 17.22 19.54 8.11
N VAL A 126 16.78 19.95 6.92
CA VAL A 126 16.29 21.33 6.67
C VAL A 126 14.76 21.58 6.65
N ALA A 127 13.95 20.60 6.27
CA ALA A 127 12.49 20.75 6.40
C ALA A 127 11.94 19.35 6.66
N ALA A 128 10.75 19.25 7.30
CA ALA A 128 10.20 17.99 7.89
C ALA A 128 8.71 18.04 8.12
N SER A 129 8.05 16.93 7.80
CA SER A 129 6.64 16.81 8.13
C SER A 129 6.37 17.39 9.51
N ASN A 130 7.20 17.06 10.49
CA ASN A 130 6.95 17.37 11.89
C ASN A 130 7.46 18.73 12.50
N TRP A 131 7.55 19.76 11.65
CA TRP A 131 8.12 21.02 12.06
C TRP A 131 7.40 21.75 13.18
N GLN A 132 6.24 21.24 13.59
CA GLN A 132 5.40 21.87 14.59
C GLN A 132 5.18 21.06 15.85
N GLU A 133 5.64 19.82 15.85
CA GLU A 133 5.72 19.06 17.08
C GLU A 133 7.05 19.42 17.69
N PRO A 134 7.16 19.29 19.01
CA PRO A 134 8.45 19.54 19.65
C PRO A 134 9.50 18.52 19.23
N THR A 135 9.09 17.43 18.60
CA THR A 135 10.01 16.42 18.08
C THR A 135 10.39 16.76 16.63
N SER A 136 10.42 18.06 16.27
CA SER A 136 10.80 18.40 14.89
C SER A 136 12.24 17.98 14.59
N PHE A 137 12.42 17.27 13.48
CA PHE A 137 13.75 16.86 13.04
C PHE A 137 14.61 18.04 12.51
N VAL A 138 13.99 19.19 12.28
CA VAL A 138 14.71 20.36 11.78
C VAL A 138 15.99 20.79 12.56
N GLY A 139 17.11 20.93 11.84
CA GLY A 139 18.41 21.33 12.41
C GLY A 139 19.22 20.18 13.01
N ASN A 140 18.61 19.00 13.03
CA ASN A 140 19.23 17.79 13.55
C ASN A 140 20.25 17.31 12.59
N ASP A 141 21.37 16.86 13.13
CA ASP A 141 22.42 16.24 12.35
C ASP A 141 22.16 14.75 12.14
N TYR A 142 21.89 14.32 10.91
CA TYR A 142 21.88 12.90 10.59
C TYR A 142 23.06 12.53 9.67
N ALA A 143 24.16 13.28 9.79
CA ALA A 143 25.26 13.14 8.83
C ALA A 143 25.77 11.70 8.70
N PHE A 144 25.61 10.88 9.73
CA PHE A 144 26.29 9.57 9.77
C PHE A 144 25.37 8.37 9.85
N ARG A 145 24.08 8.66 9.71
CA ARG A 145 23.08 7.65 9.61
C ARG A 145 23.32 7.01 8.26
N ASP A 146 23.06 5.72 8.17
CA ASP A 146 23.27 4.97 6.96
C ASP A 146 22.30 5.43 5.89
N TYR A 147 21.03 5.65 6.28
CA TYR A 147 20.03 6.03 5.32
C TYR A 147 20.48 7.29 4.62
N PHE A 148 21.11 8.24 5.34
CA PHE A 148 21.72 9.39 4.71
C PHE A 148 22.90 8.90 3.93
N ARG A 149 23.85 8.33 4.65
CA ARG A 149 25.14 8.01 4.02
C ARG A 149 25.09 7.16 2.73
N LEU A 150 24.25 6.14 2.74
CA LEU A 150 24.11 5.28 1.61
C LEU A 150 23.30 5.94 0.47
N ALA A 151 22.23 6.65 0.78
CA ALA A 151 21.59 7.39 -0.28
C ALA A 151 22.56 8.41 -0.96
N VAL A 152 23.61 8.87 -0.27
CA VAL A 152 24.61 9.75 -0.90
C VAL A 152 25.47 8.92 -1.85
N ARG A 153 25.91 7.77 -1.38
CA ARG A 153 26.88 7.03 -2.13
C ARG A 153 26.21 6.24 -3.24
N ASP A 154 25.00 5.75 -2.99
CA ASP A 154 24.29 4.81 -3.90
C ASP A 154 23.09 5.38 -4.73
N GLY A 155 22.54 6.53 -4.31
CA GLY A 155 21.35 7.09 -4.93
C GLY A 155 20.15 6.82 -4.05
N MET A 156 20.07 5.61 -3.51
CA MET A 156 18.99 5.30 -2.61
C MET A 156 19.48 4.39 -1.49
N ALA A 157 18.58 4.09 -0.56
CA ALA A 157 18.85 3.29 0.63
C ALA A 157 17.52 3.16 1.32
N GLU A 158 17.28 1.95 1.81
CA GLU A 158 16.21 1.61 2.75
C GLU A 158 16.92 0.96 3.95
N HIS A 159 16.70 1.51 5.14
CA HIS A 159 17.36 1.08 6.36
C HIS A 159 16.44 1.04 7.59
N PHE A 160 16.40 -0.10 8.25
CA PHE A 160 15.53 -0.35 9.41
C PHE A 160 16.34 -0.11 10.65
N ALA A 161 15.75 0.63 11.56
CA ALA A 161 16.41 1.19 12.78
C ALA A 161 15.33 1.74 13.71
N MET A 162 15.67 1.90 14.99
CA MET A 162 14.82 2.59 15.94
C MET A 162 14.91 4.11 15.77
N GLY A 163 13.76 4.77 15.70
CA GLY A 163 13.67 6.16 16.06
C GLY A 163 14.67 6.57 17.12
N THR A 164 15.44 7.61 16.83
CA THR A 164 16.61 7.95 17.63
C THR A 164 16.21 8.74 18.88
N VAL A 165 15.01 9.32 18.84
CA VAL A 165 14.40 9.88 20.04
C VAL A 165 13.12 9.15 20.40
N SER A 166 12.51 8.51 19.41
CA SER A 166 11.20 7.88 19.58
C SER A 166 11.32 6.53 20.29
N LYS A 167 12.32 5.75 19.89
CA LYS A 167 12.25 4.30 19.98
C LYS A 167 11.11 3.74 19.14
N ARG A 168 10.76 4.46 18.08
CA ARG A 168 9.87 3.95 17.09
C ARG A 168 10.67 3.36 15.94
N PRO A 169 10.55 2.01 15.81
CA PRO A 169 11.18 1.15 14.84
C PRO A 169 10.56 1.49 13.53
N GLY A 170 11.30 1.41 12.43
CA GLY A 170 10.65 1.72 11.17
C GLY A 170 11.62 1.52 10.06
N LEU A 171 11.11 1.66 8.83
CA LEU A 171 11.97 1.65 7.62
C LEU A 171 12.28 3.08 7.20
N TYR A 172 13.53 3.38 6.90
CA TYR A 172 13.85 4.74 6.46
C TYR A 172 14.21 4.63 5.00
N ILE A 173 13.38 5.23 4.14
CA ILE A 173 13.40 5.03 2.67
C ILE A 173 13.98 6.31 2.14
N SER A 174 15.21 6.24 1.65
CA SER A 174 15.86 7.50 1.35
C SER A 174 16.31 7.57 -0.10
N ARG A 175 16.36 8.78 -0.62
CA ARG A 175 16.65 9.06 -2.05
C ARG A 175 17.53 10.30 -2.18
N ARG A 176 18.54 10.19 -3.02
CA ARG A 176 19.49 11.27 -3.27
C ARG A 176 18.83 12.33 -4.19
N VAL A 177 18.86 13.60 -3.75
CA VAL A 177 18.58 14.76 -4.60
C VAL A 177 19.88 15.14 -5.36
N ASP A 178 19.88 14.85 -6.66
CA ASP A 178 21.03 15.21 -7.45
C ASP A 178 20.85 16.67 -7.80
N GLY A 179 21.96 17.28 -8.14
CA GLY A 179 21.93 18.57 -8.79
C GLY A 179 23.01 18.53 -9.85
N PRO A 180 23.33 19.71 -10.40
CA PRO A 180 24.62 19.75 -11.05
C PRO A 180 25.68 19.97 -9.96
N GLY A 181 26.90 19.51 -10.23
CA GLY A 181 27.96 19.66 -9.27
C GLY A 181 27.93 18.53 -8.27
N GLY A 182 26.86 17.75 -8.31
CA GLY A 182 26.79 16.55 -7.48
C GLY A 182 25.56 16.63 -6.62
N PRO A 183 25.55 15.83 -5.57
CA PRO A 183 24.34 15.67 -4.75
C PRO A 183 24.01 16.92 -3.89
N LEU A 184 22.72 17.22 -3.75
CA LEU A 184 22.32 18.40 -3.00
C LEU A 184 21.72 17.99 -1.68
N GLY A 185 21.20 16.78 -1.58
CA GLY A 185 20.77 16.31 -0.30
C GLY A 185 20.06 15.00 -0.46
N VAL A 186 19.38 14.58 0.61
CA VAL A 186 18.58 13.35 0.63
C VAL A 186 17.20 13.61 1.21
N ILE A 187 16.23 12.95 0.64
CA ILE A 187 14.88 13.08 1.12
C ILE A 187 14.59 11.70 1.73
N VAL A 188 13.88 11.66 2.85
CA VAL A 188 13.72 10.45 3.62
C VAL A 188 12.26 10.31 4.01
N ALA A 189 11.69 9.13 3.81
CA ALA A 189 10.32 8.92 4.28
C ALA A 189 10.49 7.80 5.23
N LYS A 190 9.99 7.97 6.46
CA LYS A 190 10.03 6.88 7.40
C LYS A 190 8.68 6.32 7.49
N LEU A 191 8.65 5.00 7.28
CA LEU A 191 7.51 4.09 7.34
C LEU A 191 7.54 3.41 8.70
N GLU A 192 6.47 3.45 9.51
CA GLU A 192 6.43 2.64 10.75
C GLU A 192 5.51 1.44 10.57
N PHE A 193 5.57 0.40 11.41
CA PHE A 193 4.81 -0.79 11.08
C PHE A 193 3.73 -1.23 12.03
N ASP A 194 3.28 -0.29 12.85
CA ASP A 194 2.37 -0.59 13.94
C ASP A 194 1.06 -1.10 13.42
N GLY A 195 0.59 -0.55 12.31
CA GLY A 195 -0.65 -1.03 11.73
C GLY A 195 -0.55 -2.44 11.16
N VAL A 196 0.49 -2.69 10.38
CA VAL A 196 0.65 -4.05 9.92
C VAL A 196 0.84 -5.00 11.10
N GLU A 197 1.49 -4.54 12.19
CA GLU A 197 1.69 -5.46 13.30
C GLU A 197 0.38 -5.77 13.97
N ALA A 198 -0.53 -4.80 13.94
CA ALA A 198 -1.81 -5.05 14.57
C ALA A 198 -2.72 -5.92 13.67
N ASP A 199 -2.66 -5.71 12.33
CA ASP A 199 -3.40 -6.64 11.46
C ASP A 199 -2.97 -8.04 11.81
N TRP A 200 -1.65 -8.25 11.86
CA TRP A 200 -1.02 -9.51 12.29
C TRP A 200 -1.38 -10.06 13.68
N GLN A 201 -1.29 -9.26 14.74
CA GLN A 201 -1.78 -9.71 16.05
C GLN A 201 -3.18 -10.39 15.89
N ALA A 202 -4.07 -9.72 15.15
CA ALA A 202 -5.43 -10.21 14.89
C ALA A 202 -5.53 -11.58 14.22
N SER A 203 -4.55 -11.98 13.41
CA SER A 203 -4.76 -13.18 12.59
C SER A 203 -4.78 -14.46 13.40
N GLY A 204 -4.09 -14.42 14.54
CA GLY A 204 -3.89 -15.59 15.42
C GLY A 204 -2.85 -16.58 14.89
N LYS A 205 -1.86 -16.07 14.19
CA LYS A 205 -0.80 -16.90 13.70
C LYS A 205 0.35 -15.94 13.76
N PRO A 206 1.16 -16.01 14.83
CA PRO A 206 2.30 -15.11 14.97
C PRO A 206 3.19 -15.13 13.72
N ALA A 207 3.66 -13.97 13.33
CA ALA A 207 4.43 -13.84 12.13
C ALA A 207 5.41 -12.71 12.41
N TYR A 208 6.59 -12.77 11.77
CA TYR A 208 7.63 -11.75 11.90
C TYR A 208 8.49 -11.72 10.65
N VAL A 209 9.15 -10.60 10.44
CA VAL A 209 9.99 -10.48 9.29
C VAL A 209 11.45 -10.35 9.68
N THR A 210 12.30 -11.15 9.04
CA THR A 210 13.73 -11.04 9.29
C THR A 210 14.53 -10.46 8.11
N ASP A 211 15.49 -9.60 8.38
CA ASP A 211 16.37 -9.19 7.28
C ASP A 211 17.29 -10.38 6.92
N ARG A 212 18.43 -10.10 6.29
CA ARG A 212 19.31 -11.17 5.87
C ARG A 212 20.36 -11.54 6.92
N ARG A 213 20.38 -10.70 7.95
CA ARG A 213 21.26 -10.80 9.09
C ARG A 213 20.64 -11.82 10.06
N GLY A 214 19.36 -12.12 9.84
CA GLY A 214 18.66 -13.09 10.66
C GLY A 214 17.87 -12.43 11.78
N ILE A 215 17.82 -11.11 11.79
CA ILE A 215 17.20 -10.40 12.88
C ILE A 215 15.73 -10.10 12.57
N VAL A 216 14.84 -10.37 13.53
CA VAL A 216 13.45 -9.90 13.50
C VAL A 216 13.31 -8.38 13.57
N LEU A 217 12.62 -7.79 12.59
CA LEU A 217 12.43 -6.33 12.51
C LEU A 217 10.97 -5.95 12.68
N ILE A 218 10.11 -6.68 11.97
CA ILE A 218 8.68 -6.51 12.04
C ILE A 218 8.10 -7.77 12.66
N THR A 219 7.27 -7.63 13.68
CA THR A 219 6.79 -8.79 14.40
C THR A 219 5.43 -8.57 15.02
N SER A 220 4.61 -9.61 14.92
CA SER A 220 3.24 -9.66 15.49
C SER A 220 3.32 -9.70 17.00
N LEU A 221 4.46 -10.15 17.53
CA LEU A 221 4.77 -10.25 18.96
C LEU A 221 5.90 -9.29 19.36
N PRO A 222 5.55 -8.19 20.02
CA PRO A 222 6.49 -7.08 20.15
C PRO A 222 7.83 -7.46 20.84
N SER A 223 7.75 -8.33 21.83
CA SER A 223 8.91 -8.75 22.59
C SER A 223 9.80 -9.65 21.74
N TRP A 224 9.45 -9.86 20.48
CA TRP A 224 10.35 -10.63 19.64
C TRP A 224 11.23 -9.77 18.77
N ARG A 225 10.94 -8.46 18.78
CA ARG A 225 11.76 -7.50 18.05
C ARG A 225 13.23 -7.63 18.38
N PHE A 226 14.01 -7.75 17.32
CA PHE A 226 15.48 -7.93 17.36
C PHE A 226 15.96 -9.21 17.98
N MET A 227 15.04 -10.17 18.13
CA MET A 227 15.39 -11.57 18.43
C MET A 227 15.83 -12.14 17.10
N THR A 228 16.56 -13.24 17.06
CA THR A 228 17.17 -13.70 15.80
C THR A 228 16.79 -15.14 15.37
N THR A 229 17.03 -15.42 14.10
CA THR A 229 16.84 -16.75 13.63
C THR A 229 18.13 -17.49 13.88
N LYS A 230 19.25 -17.02 13.32
CA LYS A 230 20.56 -17.61 13.63
C LYS A 230 21.22 -16.98 14.86
N PRO A 231 21.91 -17.79 15.72
CA PRO A 231 22.78 -17.16 16.76
C PRO A 231 23.72 -16.15 16.13
N ILE A 232 24.07 -15.13 16.89
CA ILE A 232 24.98 -14.10 16.44
C ILE A 232 26.13 -14.26 17.39
N ALA A 233 27.28 -13.66 17.08
CA ALA A 233 28.32 -13.83 18.07
C ALA A 233 28.60 -12.56 18.82
N GLU A 234 29.00 -12.79 20.06
CA GLU A 234 29.42 -11.75 20.97
C GLU A 234 29.86 -10.50 20.24
N ASP A 235 31.02 -10.44 19.58
CA ASP A 235 31.37 -9.10 19.12
C ASP A 235 30.81 -8.53 17.85
N ARG A 236 29.78 -9.16 17.28
CA ARG A 236 29.07 -8.47 16.16
C ARG A 236 27.73 -7.82 16.59
N LEU A 237 27.43 -7.99 17.88
CA LEU A 237 26.40 -7.22 18.56
C LEU A 237 26.59 -5.68 18.50
N ALA A 238 27.71 -5.18 19.03
CA ALA A 238 28.06 -3.76 18.97
C ALA A 238 27.63 -3.10 17.65
N PRO A 239 28.32 -3.41 16.54
CA PRO A 239 27.97 -2.85 15.23
C PRO A 239 26.50 -2.94 14.81
N ILE A 240 25.81 -4.03 15.14
CA ILE A 240 24.37 -4.12 14.86
C ILE A 240 23.54 -3.18 15.74
N ARG A 241 23.80 -3.20 17.05
CA ARG A 241 23.12 -2.26 17.95
C ARG A 241 23.36 -0.83 17.45
N GLU A 242 24.57 -0.60 16.92
CA GLU A 242 24.96 0.72 16.48
C GLU A 242 24.18 1.16 15.26
N SER A 243 23.62 0.18 14.55
CA SER A 243 23.01 0.38 13.25
C SER A 243 21.49 0.38 13.32
N LEU A 244 20.95 -0.35 14.29
CA LEU A 244 19.52 -0.25 14.71
C LEU A 244 19.26 1.05 15.48
N GLN A 245 20.32 1.69 15.95
CA GLN A 245 20.15 2.86 16.82
C GLN A 245 19.35 2.41 18.08
N PHE A 246 19.83 1.28 18.64
CA PHE A 246 19.21 0.57 19.75
C PHE A 246 20.14 -0.34 20.54
N GLY A 247 21.01 0.23 21.39
CA GLY A 247 21.92 -0.54 22.27
C GLY A 247 21.16 -1.62 23.04
N ASP A 248 19.83 -1.53 23.13
CA ASP A 248 19.11 -2.50 23.98
C ASP A 248 18.53 -3.68 23.19
N ALA A 249 18.84 -3.72 21.88
CA ALA A 249 18.52 -4.81 20.98
C ALA A 249 19.00 -6.04 21.68
N PRO A 250 18.07 -6.97 21.96
CA PRO A 250 18.39 -8.12 22.82
C PRO A 250 19.28 -9.03 22.03
N LEU A 251 18.91 -9.24 20.78
CA LEU A 251 19.67 -10.03 19.79
C LEU A 251 19.96 -11.44 20.19
N LEU A 252 19.15 -12.05 21.04
CA LEU A 252 19.23 -13.51 21.19
C LEU A 252 18.38 -14.32 20.19
N PRO A 253 18.70 -15.60 20.00
CA PRO A 253 17.83 -16.44 19.19
C PRO A 253 16.39 -16.50 19.71
N LEU A 254 15.43 -16.30 18.82
CA LEU A 254 14.05 -16.69 19.06
C LEU A 254 13.95 -17.95 19.92
N PRO A 255 12.98 -18.00 20.81
CA PRO A 255 13.00 -19.04 21.79
C PRO A 255 12.33 -20.31 21.30
N PHE A 256 12.89 -20.91 20.26
CA PHE A 256 12.22 -22.02 19.57
C PHE A 256 12.96 -23.23 19.84
N ARG A 257 12.24 -24.33 19.98
CA ARG A 257 12.93 -25.56 20.31
C ARG A 257 12.26 -26.72 19.60
N LYS A 258 12.93 -27.86 19.55
CA LYS A 258 12.29 -29.12 19.15
C LYS A 258 11.83 -29.07 17.72
N ILE A 259 12.55 -28.27 16.93
CA ILE A 259 12.30 -28.13 15.49
C ILE A 259 12.42 -29.43 14.64
N GLU A 260 11.32 -29.87 14.02
CA GLU A 260 11.44 -30.86 12.94
C GLU A 260 11.20 -30.13 11.63
N ALA A 261 12.22 -30.10 10.75
CA ALA A 261 12.01 -29.73 9.34
C ALA A 261 11.20 -30.82 8.61
N ARG A 262 10.33 -30.39 7.70
CA ARG A 262 9.43 -31.32 7.02
C ARG A 262 9.94 -31.66 5.62
N PRO A 263 9.28 -32.61 4.96
CA PRO A 263 9.36 -32.73 3.50
C PRO A 263 8.86 -31.44 2.84
N ASP A 264 7.79 -30.85 3.37
CA ASP A 264 7.33 -29.48 3.03
C ASP A 264 8.34 -28.39 3.00
N GLY A 265 9.46 -28.51 3.69
CA GLY A 265 10.28 -27.30 3.96
C GLY A 265 9.55 -26.27 4.84
N SER A 266 8.43 -26.71 5.42
CA SER A 266 7.87 -26.16 6.65
C SER A 266 8.50 -26.93 7.82
N SER A 267 8.25 -26.48 9.04
CA SER A 267 8.90 -27.13 10.16
C SER A 267 8.00 -27.10 11.36
N THR A 268 7.84 -28.20 12.10
CA THR A 268 7.22 -28.04 13.42
C THR A 268 8.22 -27.49 14.48
N LEU A 269 7.72 -26.69 15.40
CA LEU A 269 8.56 -26.18 16.47
C LEU A 269 7.75 -25.97 17.77
N ASP A 270 8.49 -25.89 18.89
CA ASP A 270 7.97 -25.44 20.18
C ASP A 270 8.52 -24.09 20.56
N ALA A 271 7.58 -23.19 20.82
CA ALA A 271 7.89 -21.81 21.08
C ALA A 271 7.53 -21.38 22.50
N LEU A 272 8.32 -20.46 23.08
CA LEU A 272 7.96 -19.81 24.36
C LEU A 272 7.10 -18.58 24.12
N LEU A 273 5.83 -18.66 24.49
CA LEU A 273 4.91 -17.53 24.36
C LEU A 273 5.16 -16.50 25.46
N PRO A 274 5.31 -15.24 25.05
CA PRO A 274 5.39 -14.12 26.01
C PRO A 274 4.43 -14.31 27.18
N GLY A 275 4.96 -14.55 28.36
CA GLY A 275 4.17 -15.05 29.47
C GLY A 275 4.34 -16.54 29.68
N ASP A 276 4.14 -17.31 28.61
CA ASP A 276 3.86 -18.73 28.73
C ASP A 276 2.63 -19.12 27.92
N SER A 277 2.16 -20.36 28.12
CA SER A 277 3.05 -21.51 28.15
C SER A 277 3.74 -21.70 26.81
N THR A 278 4.54 -22.76 26.69
CA THR A 278 5.03 -23.21 25.40
C THR A 278 4.00 -24.01 24.61
N ALA A 279 3.48 -23.40 23.54
CA ALA A 279 2.61 -24.11 22.60
C ALA A 279 3.41 -24.59 21.37
N ALA A 280 2.86 -25.55 20.67
CA ALA A 280 3.53 -26.12 19.53
C ALA A 280 3.01 -25.42 18.30
N PHE A 281 3.83 -25.35 17.27
CA PHE A 281 3.46 -24.58 16.10
C PHE A 281 4.03 -25.23 14.85
N LEU A 282 3.29 -25.08 13.73
CA LEU A 282 3.86 -25.23 12.38
C LEU A 282 4.42 -23.91 11.87
N ARG A 283 5.62 -23.96 11.31
CA ARG A 283 6.27 -22.79 10.76
C ARG A 283 6.47 -22.83 9.25
N VAL A 284 5.88 -21.83 8.55
CA VAL A 284 6.26 -21.50 7.14
C VAL A 284 7.03 -20.16 6.96
N GLU A 285 7.58 -20.06 5.73
CA GLU A 285 8.64 -19.17 5.30
C GLU A 285 8.22 -18.68 3.94
N THR A 286 8.26 -17.37 3.69
CA THR A 286 8.19 -16.89 2.30
C THR A 286 9.00 -15.60 2.17
N MET A 287 9.48 -15.31 0.99
CA MET A 287 10.33 -14.17 0.77
C MET A 287 9.34 -13.08 0.62
N VAL A 288 9.52 -11.93 1.25
CA VAL A 288 8.59 -10.86 0.96
C VAL A 288 8.96 -10.22 -0.36
N PRO A 289 8.03 -10.28 -1.37
CA PRO A 289 8.38 -9.84 -2.73
C PRO A 289 8.81 -8.38 -2.81
N SER A 290 9.94 -8.19 -3.51
CA SER A 290 10.63 -6.94 -3.77
C SER A 290 11.14 -6.27 -2.48
N THR A 291 11.49 -7.07 -1.48
CA THR A 291 12.32 -6.54 -0.39
C THR A 291 13.38 -7.53 -0.29
N ASN A 292 14.38 -7.30 0.54
CA ASN A 292 15.31 -8.43 0.84
C ASN A 292 14.92 -9.11 2.12
N TRP A 293 13.65 -8.93 2.54
CA TRP A 293 13.08 -9.46 3.76
C TRP A 293 12.34 -10.79 3.53
N ARG A 294 12.12 -11.50 4.64
CA ARG A 294 11.71 -12.91 4.69
C ARG A 294 10.63 -13.02 5.78
N LEU A 295 9.57 -13.74 5.55
CA LEU A 295 8.51 -13.76 6.55
C LEU A 295 8.34 -15.16 6.97
N GLU A 296 8.16 -15.32 8.27
CA GLU A 296 8.02 -16.61 8.94
C GLU A 296 6.75 -16.46 9.72
N GLN A 297 5.91 -17.49 9.67
CA GLN A 297 4.62 -17.39 10.27
C GLN A 297 4.35 -18.66 10.99
N LEU A 298 3.96 -18.54 12.25
CA LEU A 298 3.62 -19.70 13.03
C LEU A 298 2.10 -19.97 13.14
N SER A 299 1.69 -21.17 12.79
CA SER A 299 0.32 -21.63 12.97
C SER A 299 0.41 -22.79 13.94
N PRO A 300 -0.34 -22.72 15.06
CA PRO A 300 -0.68 -23.69 16.11
C PRO A 300 -1.10 -25.13 15.70
N LEU A 301 -1.47 -25.94 16.68
CA LEU A 301 -1.71 -27.38 16.39
C LEU A 301 -2.96 -27.96 17.07
N ALA B 48 -19.81 -24.51 14.28
CA ALA B 48 -19.70 -23.03 14.51
C ALA B 48 -18.22 -22.53 14.64
N GLY B 49 -17.27 -23.23 13.99
CA GLY B 49 -15.82 -22.91 14.12
C GLY B 49 -15.13 -22.18 12.95
N LEU B 50 -15.78 -22.18 11.79
CA LEU B 50 -15.29 -21.48 10.61
C LEU B 50 -15.57 -20.01 10.75
N ALA B 51 -16.53 -19.67 11.60
CA ALA B 51 -17.00 -18.29 11.67
C ALA B 51 -15.81 -17.31 11.80
N GLY B 52 -15.07 -17.45 12.91
CA GLY B 52 -13.99 -16.52 13.24
C GLY B 52 -12.85 -16.59 12.25
N GLN B 53 -12.52 -17.83 11.91
CA GLN B 53 -11.46 -18.15 11.00
C GLN B 53 -11.74 -17.45 9.70
N SER B 54 -12.99 -17.51 9.24
CA SER B 54 -13.39 -16.85 8.01
C SER B 54 -13.40 -15.36 8.23
N ARG B 55 -13.60 -14.98 9.48
CA ARG B 55 -13.69 -13.61 9.90
C ARG B 55 -12.35 -12.93 9.90
N ILE B 56 -11.27 -13.69 10.00
CA ILE B 56 -9.99 -13.03 9.94
C ILE B 56 -9.50 -13.10 8.54
N ASP B 57 -9.84 -14.23 7.93
CA ASP B 57 -9.58 -14.39 6.52
C ASP B 57 -10.10 -13.15 5.80
N ALA B 58 -11.36 -12.80 6.06
CA ALA B 58 -11.96 -11.57 5.53
C ALA B 58 -11.27 -10.23 5.94
N SER B 59 -10.77 -10.10 7.16
CA SER B 59 -10.19 -8.83 7.62
C SER B 59 -8.84 -8.61 6.97
N LEU B 60 -8.20 -9.74 6.76
CA LEU B 60 -7.01 -9.92 5.96
C LEU B 60 -7.20 -9.53 4.50
N LYS B 61 -8.30 -9.97 3.90
CA LYS B 61 -8.59 -9.59 2.55
C LYS B 61 -8.82 -8.08 2.44
N ALA B 62 -9.69 -7.56 3.31
CA ALA B 62 -10.06 -6.15 3.27
C ALA B 62 -8.79 -5.34 3.37
N SER B 63 -8.00 -5.73 4.36
CA SER B 63 -6.75 -5.13 4.72
C SER B 63 -5.79 -5.02 3.55
N LEU B 64 -5.59 -6.13 2.83
CA LEU B 64 -4.72 -6.14 1.64
C LEU B 64 -5.25 -5.10 0.65
N LEU B 65 -6.58 -5.09 0.58
CA LEU B 65 -7.25 -4.21 -0.35
C LEU B 65 -7.16 -2.75 0.06
N ARG B 66 -7.17 -2.50 1.36
CA ARG B 66 -6.91 -1.17 1.85
C ARG B 66 -5.54 -0.79 1.33
N ALA B 67 -4.53 -1.58 1.68
CA ALA B 67 -3.18 -1.22 1.33
C ALA B 67 -2.95 -1.08 -0.17
N VAL B 68 -3.55 -1.94 -0.99
CA VAL B 68 -3.36 -1.78 -2.46
C VAL B 68 -4.01 -0.48 -3.04
N VAL B 69 -5.13 -0.05 -2.48
CA VAL B 69 -5.68 1.26 -2.75
C VAL B 69 -4.83 2.44 -2.25
N GLU B 70 -4.30 2.35 -1.05
CA GLU B 70 -3.41 3.35 -0.52
C GLU B 70 -2.13 3.45 -1.34
N ARG B 71 -1.63 2.30 -1.81
CA ARG B 71 -0.35 2.25 -2.58
C ARG B 71 -0.59 3.13 -3.76
N GLN B 72 -1.69 2.86 -4.45
CA GLN B 72 -2.09 3.74 -5.54
C GLN B 72 -2.31 5.20 -5.23
N ARG B 73 -3.07 5.49 -4.18
CA ARG B 73 -3.43 6.84 -3.80
C ARG B 73 -2.26 7.81 -3.65
N ALA B 74 -1.06 7.29 -3.43
CA ALA B 74 0.12 8.09 -3.19
C ALA B 74 0.53 8.81 -4.51
N LEU B 75 0.31 8.13 -5.60
CA LEU B 75 0.76 8.69 -6.84
C LEU B 75 0.22 10.12 -7.12
N PRO B 76 -1.12 10.24 -7.30
CA PRO B 76 -1.80 11.54 -7.37
C PRO B 76 -1.42 12.49 -6.21
N LEU B 77 -1.34 11.92 -5.00
CA LEU B 77 -0.85 12.61 -3.81
C LEU B 77 0.51 13.33 -4.07
N VAL B 78 1.56 12.62 -4.53
CA VAL B 78 2.84 13.35 -4.75
C VAL B 78 2.75 14.17 -6.00
N LEU B 79 2.16 13.57 -7.01
CA LEU B 79 2.04 14.23 -8.29
C LEU B 79 1.27 15.55 -8.26
N ALA B 80 0.24 15.69 -7.45
CA ALA B 80 -0.52 16.94 -7.46
C ALA B 80 0.35 18.12 -7.09
N ASP B 81 1.38 17.91 -6.27
CA ASP B 81 2.27 19.05 -5.98
C ASP B 81 3.50 19.20 -6.84
N ASP B 82 3.73 18.28 -7.76
CA ASP B 82 4.99 18.17 -8.43
C ASP B 82 5.40 19.38 -9.34
N ALA B 83 6.48 20.05 -9.00
CA ALA B 83 6.90 21.19 -9.74
C ALA B 83 6.95 20.99 -11.29
N ALA B 84 7.22 19.75 -11.71
CA ALA B 84 7.33 19.46 -13.15
C ALA B 84 5.92 19.39 -13.77
N ILE B 85 5.02 18.58 -13.19
CA ILE B 85 3.56 18.65 -13.35
C ILE B 85 3.02 20.07 -13.28
N ARG B 86 3.35 20.80 -12.23
CA ARG B 86 2.94 22.19 -12.18
C ARG B 86 3.49 22.98 -13.43
N GLY B 87 4.83 22.97 -13.59
CA GLY B 87 5.52 23.66 -14.72
C GLY B 87 4.76 23.44 -16.00
N ALA B 88 4.49 22.18 -16.31
CA ALA B 88 3.85 21.78 -17.55
C ALA B 88 2.54 22.55 -17.78
N LEU B 89 1.71 22.64 -16.72
CA LEU B 89 0.37 23.22 -16.81
C LEU B 89 0.35 24.76 -16.98
N LEU B 90 1.30 25.49 -16.38
CA LEU B 90 1.45 26.97 -16.55
C LEU B 90 1.98 27.30 -17.91
N SER B 91 3.19 26.81 -18.19
CA SER B 91 3.83 26.95 -19.51
C SER B 91 4.09 25.57 -20.12
N PRO B 92 3.13 25.07 -20.94
CA PRO B 92 3.39 23.82 -21.60
C PRO B 92 4.02 24.05 -22.92
N ASP B 93 4.98 23.22 -23.21
CA ASP B 93 5.66 23.25 -24.48
C ASP B 93 5.99 21.75 -24.73
N ARG B 94 6.37 21.42 -25.96
CA ARG B 94 6.62 20.07 -26.42
C ARG B 94 7.54 19.20 -25.55
N PRO B 95 8.75 19.71 -25.18
CA PRO B 95 9.67 19.03 -24.23
C PRO B 95 9.17 18.90 -22.78
N SER B 96 8.47 19.90 -22.25
CA SER B 96 7.82 19.70 -20.99
C SER B 96 6.96 18.47 -20.97
N LEU B 97 6.01 18.45 -21.89
CA LEU B 97 5.01 17.41 -21.93
C LEU B 97 5.58 16.03 -22.30
N ASP B 98 6.63 16.04 -23.08
CA ASP B 98 7.32 14.78 -23.28
C ASP B 98 7.97 14.26 -21.96
N ARG B 99 8.67 15.12 -21.23
CA ARG B 99 9.29 14.68 -19.98
C ARG B 99 8.27 14.05 -19.09
N ILE B 100 7.09 14.65 -19.08
CA ILE B 100 6.11 14.13 -18.17
C ILE B 100 5.55 12.83 -18.72
N ASN B 101 5.61 12.68 -20.04
CA ASN B 101 4.92 11.56 -20.61
C ASN B 101 5.69 10.44 -20.13
N ARG B 102 7.01 10.60 -20.18
CA ARG B 102 7.91 9.57 -19.66
C ARG B 102 7.94 9.42 -18.16
N LYS B 103 7.88 10.55 -17.44
CA LYS B 103 7.92 10.52 -15.97
C LYS B 103 6.73 9.64 -15.50
N LEU B 104 5.58 9.87 -16.13
CA LEU B 104 4.39 9.10 -15.88
C LEU B 104 4.41 7.68 -16.45
N GLU B 105 5.37 7.37 -17.29
CA GLU B 105 5.41 6.11 -17.94
C GLU B 105 6.16 5.25 -16.95
N ALA B 106 7.23 5.84 -16.42
CA ALA B 106 8.10 5.09 -15.52
C ALA B 106 7.29 4.87 -14.22
N LEU B 107 6.63 5.90 -13.72
CA LEU B 107 5.74 5.73 -12.59
C LEU B 107 4.63 4.64 -12.68
N ALA B 108 3.86 4.61 -13.76
CA ALA B 108 2.91 3.55 -13.93
C ALA B 108 3.59 2.20 -13.81
N THR B 109 4.73 2.00 -14.49
CA THR B 109 5.42 0.73 -14.32
C THR B 109 5.69 0.44 -12.83
N SER B 110 6.40 1.36 -12.17
CA SER B 110 6.90 1.12 -10.79
C SER B 110 5.77 1.10 -9.75
N ALA B 111 4.69 1.82 -10.05
CA ALA B 111 3.55 1.86 -9.16
C ALA B 111 2.59 0.71 -9.41
N GLU B 112 2.80 -0.03 -10.51
CA GLU B 112 1.84 -1.05 -10.95
C GLU B 112 0.43 -0.41 -11.12
N ALA B 113 0.40 0.69 -11.86
CA ALA B 113 -0.86 1.30 -12.15
C ALA B 113 -1.25 0.92 -13.56
N ALA B 114 -2.53 0.69 -13.79
CA ALA B 114 -2.97 0.56 -15.19
C ALA B 114 -2.60 1.79 -16.05
N VAL B 115 -3.02 2.99 -15.66
CA VAL B 115 -2.78 4.21 -16.40
C VAL B 115 -2.56 5.36 -15.41
N ILE B 116 -1.59 6.26 -15.65
CA ILE B 116 -1.59 7.54 -14.91
C ILE B 116 -1.53 8.67 -15.92
N TYR B 117 -2.44 9.63 -15.79
CA TYR B 117 -2.50 10.66 -16.76
C TYR B 117 -2.82 12.02 -16.15
N LEU B 118 -2.34 13.07 -16.80
CA LEU B 118 -2.55 14.44 -16.32
C LEU B 118 -3.56 15.15 -17.25
N ILE B 119 -4.60 15.75 -16.67
CA ILE B 119 -5.65 16.47 -17.41
C ILE B 119 -5.55 18.03 -17.23
N ASP B 120 -5.88 18.79 -18.27
CA ASP B 120 -5.73 20.18 -18.00
C ASP B 120 -6.96 20.77 -17.39
N ARG B 121 -6.88 22.08 -17.30
CA ARG B 121 -7.77 22.95 -16.64
C ARG B 121 -9.14 22.79 -17.33
N SER B 122 -9.12 22.54 -18.63
CA SER B 122 -10.32 22.51 -19.46
C SER B 122 -11.09 21.17 -19.32
N GLY B 123 -10.33 20.13 -19.04
CA GLY B 123 -10.85 18.77 -19.01
C GLY B 123 -10.14 17.91 -20.03
N VAL B 124 -9.16 18.46 -20.76
CA VAL B 124 -8.41 17.68 -21.76
C VAL B 124 -7.09 17.03 -21.22
N ALA B 125 -6.92 15.75 -21.54
CA ALA B 125 -5.70 15.05 -21.20
C ALA B 125 -4.58 15.51 -22.11
N VAL B 126 -3.46 15.78 -21.46
CA VAL B 126 -2.35 16.50 -22.05
C VAL B 126 -1.10 15.63 -22.07
N ALA B 127 -0.94 14.84 -21.01
CA ALA B 127 0.12 13.87 -20.88
C ALA B 127 -0.41 12.53 -20.22
N ALA B 128 0.24 11.40 -20.57
CA ALA B 128 -0.20 10.04 -20.20
C ALA B 128 0.94 8.99 -20.13
N SER B 129 0.85 8.09 -19.13
CA SER B 129 1.60 6.84 -19.09
C SER B 129 1.51 6.01 -20.41
N ASN B 130 0.30 5.92 -20.98
CA ASN B 130 0.08 5.20 -22.23
C ASN B 130 0.32 6.00 -23.50
N TRP B 131 1.13 7.07 -23.41
CA TRP B 131 1.25 7.99 -24.53
C TRP B 131 1.79 7.29 -25.75
N GLN B 132 2.67 6.33 -25.60
CA GLN B 132 3.14 5.57 -26.75
C GLN B 132 2.16 4.57 -27.32
N GLU B 133 1.04 4.31 -26.68
CA GLU B 133 0.13 3.26 -27.14
C GLU B 133 -0.86 3.80 -28.16
N PRO B 134 -1.39 2.94 -29.02
CA PRO B 134 -2.51 3.45 -29.80
C PRO B 134 -3.67 3.82 -28.88
N THR B 135 -3.77 3.23 -27.71
CA THR B 135 -4.82 3.63 -26.84
C THR B 135 -4.43 4.88 -26.05
N SER B 136 -3.49 5.67 -26.56
CA SER B 136 -2.96 6.73 -25.71
C SER B 136 -4.11 7.67 -25.27
N PHE B 137 -4.30 7.89 -23.98
CA PHE B 137 -5.28 8.90 -23.53
C PHE B 137 -4.91 10.34 -23.80
N VAL B 138 -3.85 10.65 -24.53
CA VAL B 138 -3.50 12.07 -24.67
C VAL B 138 -4.45 12.73 -25.65
N GLY B 139 -5.13 13.79 -25.22
CA GLY B 139 -6.12 14.47 -26.08
C GLY B 139 -7.57 14.14 -25.79
N ASN B 140 -7.87 13.12 -24.98
CA ASN B 140 -9.31 12.88 -24.67
C ASN B 140 -9.93 14.01 -23.79
N ASP B 141 -11.25 14.11 -23.82
CA ASP B 141 -11.98 15.08 -23.03
C ASP B 141 -12.65 14.37 -21.80
N TYR B 142 -12.16 14.69 -20.60
CA TYR B 142 -12.57 14.11 -19.34
C TYR B 142 -13.37 15.12 -18.46
N ALA B 143 -13.57 16.32 -19.03
CA ALA B 143 -14.29 17.39 -18.42
C ALA B 143 -15.56 16.94 -17.79
N PHE B 144 -16.11 15.79 -18.19
CA PHE B 144 -17.46 15.44 -17.71
C PHE B 144 -17.57 14.22 -16.83
N ARG B 145 -16.47 13.48 -16.81
CA ARG B 145 -16.10 12.51 -15.80
C ARG B 145 -16.05 13.12 -14.40
N ASP B 146 -16.67 12.45 -13.43
CA ASP B 146 -16.58 12.85 -12.01
C ASP B 146 -15.17 12.89 -11.42
N TYR B 147 -14.28 12.02 -11.85
CA TYR B 147 -12.93 12.15 -11.36
C TYR B 147 -12.30 13.49 -11.79
N PHE B 148 -12.81 14.15 -12.82
CA PHE B 148 -12.27 15.44 -13.16
C PHE B 148 -13.00 16.42 -12.24
N ARG B 149 -14.25 16.72 -12.62
CA ARG B 149 -15.07 17.65 -11.87
C ARG B 149 -15.08 17.52 -10.32
N LEU B 150 -15.07 16.32 -9.73
CA LEU B 150 -14.97 16.24 -8.26
C LEU B 150 -13.57 16.61 -7.68
N ALA B 151 -12.51 16.27 -8.42
CA ALA B 151 -11.16 16.68 -8.10
C ALA B 151 -11.09 18.24 -8.15
N VAL B 152 -11.96 18.83 -8.98
CA VAL B 152 -11.90 20.25 -9.19
C VAL B 152 -12.70 20.90 -8.11
N ARG B 153 -13.76 20.25 -7.72
CA ARG B 153 -14.60 20.88 -6.76
C ARG B 153 -13.96 20.67 -5.39
N ASP B 154 -13.38 19.49 -5.20
CA ASP B 154 -12.96 19.07 -3.85
C ASP B 154 -11.44 19.01 -3.54
N GLY B 155 -10.65 18.73 -4.56
CA GLY B 155 -9.21 18.67 -4.43
C GLY B 155 -8.85 17.25 -4.69
N MET B 156 -9.80 16.35 -4.46
CA MET B 156 -9.56 14.89 -4.59
C MET B 156 -10.84 14.12 -4.95
N ALA B 157 -10.74 12.99 -5.63
CA ALA B 157 -11.91 12.23 -6.00
C ALA B 157 -11.47 10.88 -6.42
N GLU B 158 -12.41 9.95 -6.39
CA GLU B 158 -12.17 8.54 -6.64
C GLU B 158 -13.47 8.01 -7.17
N HIS B 159 -13.46 7.31 -8.31
CA HIS B 159 -14.72 6.83 -8.85
C HIS B 159 -14.44 5.55 -9.55
N PHE B 160 -15.17 4.47 -9.23
CA PHE B 160 -15.00 3.15 -9.90
C PHE B 160 -15.88 2.98 -11.13
N ALA B 161 -15.25 2.59 -12.25
CA ALA B 161 -15.80 2.65 -13.61
C ALA B 161 -15.16 1.68 -14.60
N MET B 162 -15.70 1.64 -15.81
CA MET B 162 -15.19 0.79 -16.88
C MET B 162 -14.49 1.68 -17.86
N GLY B 163 -13.20 1.46 -18.17
CA GLY B 163 -12.54 2.25 -19.24
C GLY B 163 -13.44 2.42 -20.46
N THR B 164 -13.50 3.63 -21.01
CA THR B 164 -14.39 3.92 -22.17
C THR B 164 -14.16 2.92 -23.28
N VAL B 165 -12.89 2.66 -23.58
CA VAL B 165 -12.52 1.81 -24.71
C VAL B 165 -12.03 0.43 -24.25
N SER B 166 -11.52 0.37 -23.03
CA SER B 166 -10.84 -0.80 -22.54
C SER B 166 -11.86 -1.85 -22.08
N LYS B 167 -13.07 -1.39 -21.78
CA LYS B 167 -14.07 -2.24 -21.12
C LYS B 167 -13.44 -2.89 -19.89
N ARG B 168 -12.51 -2.18 -19.26
CA ARG B 168 -11.62 -2.77 -18.28
C ARG B 168 -11.81 -1.98 -17.01
N PRO B 169 -12.39 -2.62 -15.98
CA PRO B 169 -12.72 -2.12 -14.63
C PRO B 169 -11.53 -1.57 -13.83
N GLY B 170 -11.80 -0.55 -13.03
CA GLY B 170 -10.84 0.28 -12.33
C GLY B 170 -11.37 1.28 -11.30
N LEU B 171 -10.61 1.49 -10.24
CA LEU B 171 -10.84 2.63 -9.40
C LEU B 171 -10.07 3.86 -9.91
N TYR B 172 -10.82 4.87 -10.34
CA TYR B 172 -10.19 6.08 -10.86
C TYR B 172 -9.84 7.02 -9.67
N ILE B 173 -8.56 7.29 -9.47
CA ILE B 173 -8.18 8.12 -8.33
C ILE B 173 -7.62 9.43 -8.86
N SER B 174 -7.98 10.55 -8.21
CA SER B 174 -7.68 11.86 -8.75
C SER B 174 -7.43 12.87 -7.71
N ARG B 175 -6.78 13.95 -8.15
CA ARG B 175 -6.40 15.07 -7.30
C ARG B 175 -6.22 16.27 -8.18
N ARG B 176 -6.50 17.43 -7.59
CA ARG B 176 -6.46 18.66 -8.29
C ARG B 176 -5.02 19.03 -8.26
N VAL B 177 -4.58 19.86 -9.20
CA VAL B 177 -3.24 20.46 -9.15
C VAL B 177 -3.50 21.90 -8.90
N ASP B 178 -3.10 22.41 -7.78
CA ASP B 178 -3.43 23.78 -7.57
C ASP B 178 -2.52 24.79 -8.30
N GLY B 179 -3.13 25.81 -8.89
CA GLY B 179 -2.37 26.92 -9.42
C GLY B 179 -2.50 28.02 -8.39
N PRO B 180 -1.59 29.02 -8.46
CA PRO B 180 -1.78 30.34 -7.88
C PRO B 180 -2.68 31.07 -8.87
N GLY B 181 -3.76 31.66 -8.40
CA GLY B 181 -4.91 31.87 -9.28
C GLY B 181 -5.86 30.78 -8.84
N GLY B 182 -5.74 29.57 -9.42
CA GLY B 182 -6.62 28.47 -9.09
C GLY B 182 -6.31 27.17 -9.83
N PRO B 183 -7.31 26.31 -9.97
CA PRO B 183 -7.00 24.97 -10.41
C PRO B 183 -6.22 24.99 -11.73
N LEU B 184 -5.18 24.16 -11.87
CA LEU B 184 -4.42 24.12 -13.13
C LEU B 184 -4.64 22.88 -13.95
N GLY B 185 -5.30 21.90 -13.34
CA GLY B 185 -5.57 20.64 -14.00
C GLY B 185 -5.76 19.60 -12.89
N VAL B 186 -5.90 18.34 -13.29
CA VAL B 186 -6.16 17.23 -12.40
C VAL B 186 -5.20 16.12 -12.77
N ILE B 187 -4.66 15.38 -11.81
CA ILE B 187 -3.88 14.19 -12.08
C ILE B 187 -4.72 12.95 -11.67
N VAL B 188 -4.60 11.86 -12.44
CA VAL B 188 -5.41 10.66 -12.29
C VAL B 188 -4.61 9.34 -12.37
N ALA B 189 -4.93 8.38 -11.50
CA ALA B 189 -4.32 7.08 -11.56
C ALA B 189 -5.41 6.04 -11.57
N LYS B 190 -5.22 5.03 -12.41
CA LYS B 190 -6.23 3.97 -12.52
C LYS B 190 -5.70 2.72 -11.91
N LEU B 191 -6.37 2.24 -10.87
CA LEU B 191 -6.05 0.97 -10.30
C LEU B 191 -6.99 -0.06 -10.90
N GLU B 192 -6.40 -1.08 -11.49
CA GLU B 192 -7.10 -2.29 -11.80
C GLU B 192 -6.67 -3.34 -10.76
N PHE B 193 -7.52 -4.31 -10.47
CA PHE B 193 -7.28 -5.16 -9.31
C PHE B 193 -7.13 -6.63 -9.64
N ASP B 194 -6.52 -6.98 -10.79
CA ASP B 194 -6.33 -8.41 -11.14
C ASP B 194 -5.41 -9.07 -10.12
N GLY B 195 -4.46 -8.31 -9.57
CA GLY B 195 -3.51 -8.84 -8.60
C GLY B 195 -4.16 -9.34 -7.29
N VAL B 196 -5.10 -8.52 -6.77
CA VAL B 196 -5.83 -8.83 -5.55
C VAL B 196 -6.76 -10.01 -5.78
N GLU B 197 -7.52 -9.91 -6.85
CA GLU B 197 -8.39 -10.96 -7.27
C GLU B 197 -7.63 -12.27 -7.41
N ALA B 198 -6.53 -12.29 -8.17
CA ALA B 198 -5.69 -13.52 -8.19
C ALA B 198 -5.08 -13.92 -6.83
N ASP B 199 -4.84 -12.96 -5.92
CA ASP B 199 -4.53 -13.34 -4.53
C ASP B 199 -5.74 -14.12 -3.95
N TRP B 200 -6.92 -13.53 -4.00
CA TRP B 200 -8.11 -14.11 -3.38
C TRP B 200 -8.66 -15.40 -4.01
N GLN B 201 -8.41 -15.62 -5.30
CA GLN B 201 -8.70 -16.95 -5.86
C GLN B 201 -7.83 -17.99 -5.13
N ALA B 202 -6.60 -17.57 -4.79
CA ALA B 202 -5.53 -18.42 -4.23
C ALA B 202 -5.83 -18.98 -2.82
N SER B 203 -6.87 -18.42 -2.16
CA SER B 203 -7.39 -18.90 -0.83
C SER B 203 -8.41 -20.00 -0.94
N GLY B 204 -9.39 -19.81 -1.82
CA GLY B 204 -10.46 -20.76 -1.90
C GLY B 204 -11.55 -20.45 -0.89
N LYS B 205 -11.40 -19.33 -0.21
CA LYS B 205 -12.58 -18.64 0.24
C LYS B 205 -12.83 -17.65 -0.90
N PRO B 206 -13.89 -17.86 -1.68
CA PRO B 206 -14.14 -16.80 -2.67
C PRO B 206 -14.69 -15.53 -1.97
N ALA B 207 -14.40 -14.37 -2.54
CA ALA B 207 -14.64 -13.08 -1.92
C ALA B 207 -14.89 -12.01 -3.00
N TYR B 208 -15.63 -10.95 -2.66
CA TYR B 208 -15.99 -9.86 -3.60
C TYR B 208 -16.38 -8.58 -2.81
N VAL B 209 -16.19 -7.41 -3.42
CA VAL B 209 -16.36 -6.09 -2.79
C VAL B 209 -17.52 -5.25 -3.43
N THR B 210 -18.43 -4.73 -2.61
CA THR B 210 -19.60 -4.03 -3.13
C THR B 210 -19.50 -2.57 -2.71
N ASP B 211 -20.15 -1.69 -3.43
CA ASP B 211 -20.21 -0.34 -2.95
C ASP B 211 -21.53 -0.24 -2.20
N ARG B 212 -21.79 0.90 -1.63
CA ARG B 212 -22.97 0.87 -0.78
C ARG B 212 -24.29 0.53 -1.50
N ARG B 213 -24.36 0.72 -2.82
CA ARG B 213 -25.62 0.37 -3.56
C ARG B 213 -25.78 -1.15 -3.79
N GLY B 214 -24.77 -1.90 -3.33
CA GLY B 214 -24.84 -3.35 -3.24
C GLY B 214 -24.21 -3.99 -4.45
N ILE B 215 -23.31 -3.26 -5.11
CA ILE B 215 -22.84 -3.66 -6.43
C ILE B 215 -21.41 -4.19 -6.44
N VAL B 216 -21.27 -5.42 -6.93
CA VAL B 216 -20.04 -6.17 -6.92
C VAL B 216 -19.12 -5.56 -7.93
N LEU B 217 -18.20 -4.79 -7.40
CA LEU B 217 -17.16 -4.10 -8.16
C LEU B 217 -15.87 -4.91 -8.32
N ILE B 218 -15.45 -5.63 -7.28
CA ILE B 218 -14.16 -6.34 -7.33
C ILE B 218 -14.32 -7.76 -6.84
N THR B 219 -13.85 -8.77 -7.56
CA THR B 219 -14.31 -10.14 -7.30
C THR B 219 -13.32 -11.24 -7.65
N SER B 220 -13.11 -12.16 -6.72
CA SER B 220 -12.27 -13.31 -7.01
C SER B 220 -12.96 -14.27 -7.98
N LEU B 221 -14.20 -13.96 -8.36
CA LEU B 221 -14.89 -14.72 -9.37
C LEU B 221 -15.39 -13.91 -10.58
N PRO B 222 -14.51 -13.73 -11.63
CA PRO B 222 -14.82 -12.90 -12.82
C PRO B 222 -16.32 -12.78 -13.14
N SER B 223 -16.97 -13.90 -13.44
CA SER B 223 -18.41 -13.91 -13.72
C SER B 223 -19.30 -13.02 -12.81
N TRP B 224 -18.95 -12.86 -11.54
CA TRP B 224 -19.82 -12.17 -10.57
C TRP B 224 -19.63 -10.66 -10.53
N ARG B 225 -18.70 -10.18 -11.34
CA ARG B 225 -18.46 -8.77 -11.45
C ARG B 225 -19.78 -8.13 -11.87
N PHE B 226 -20.14 -7.08 -11.12
CA PHE B 226 -21.31 -6.26 -11.42
C PHE B 226 -22.66 -6.92 -11.23
N MET B 227 -22.78 -7.88 -10.33
CA MET B 227 -24.12 -8.41 -10.02
C MET B 227 -24.58 -7.66 -8.79
N THR B 228 -25.53 -8.19 -8.03
CA THR B 228 -25.96 -7.52 -6.79
C THR B 228 -26.13 -8.32 -5.49
N THR B 229 -25.76 -7.66 -4.39
CA THR B 229 -26.20 -8.00 -3.06
C THR B 229 -27.58 -7.42 -2.75
N LYS B 230 -27.79 -6.13 -2.96
CA LYS B 230 -29.12 -5.56 -2.64
C LYS B 230 -30.06 -5.45 -3.88
N PRO B 231 -31.35 -5.78 -3.71
CA PRO B 231 -32.47 -5.26 -4.54
C PRO B 231 -32.28 -3.82 -5.08
N ILE B 232 -32.43 -3.64 -6.40
CA ILE B 232 -32.47 -2.28 -7.00
C ILE B 232 -33.89 -2.06 -7.59
N ALA B 233 -34.31 -0.82 -7.79
CA ALA B 233 -35.58 -0.73 -8.49
C ALA B 233 -35.50 0.05 -9.77
N GLU B 234 -36.58 -0.01 -10.53
CA GLU B 234 -36.75 0.76 -11.71
C GLU B 234 -35.85 1.97 -11.76
N ASP B 235 -36.18 2.95 -10.92
CA ASP B 235 -35.57 4.29 -10.93
C ASP B 235 -34.10 4.32 -11.21
N ARG B 236 -33.35 3.56 -10.43
CA ARG B 236 -31.90 3.76 -10.36
C ARG B 236 -31.03 2.85 -11.28
N LEU B 237 -31.65 1.81 -11.86
CA LEU B 237 -31.00 0.89 -12.81
C LEU B 237 -30.23 1.61 -13.94
N ALA B 238 -30.90 2.39 -14.76
CA ALA B 238 -30.16 3.06 -15.83
C ALA B 238 -29.09 4.07 -15.31
N PRO B 239 -29.45 4.94 -14.34
CA PRO B 239 -28.49 5.83 -13.70
C PRO B 239 -27.17 5.19 -13.21
N ILE B 240 -27.24 3.94 -12.71
CA ILE B 240 -26.04 3.24 -12.19
C ILE B 240 -25.10 2.84 -13.36
N ARG B 241 -25.68 2.11 -14.32
CA ARG B 241 -25.07 1.89 -15.62
C ARG B 241 -24.23 3.10 -16.00
N GLU B 242 -24.95 4.19 -16.24
CA GLU B 242 -24.35 5.49 -16.51
C GLU B 242 -22.95 5.60 -15.84
N SER B 243 -22.95 5.84 -14.52
CA SER B 243 -21.74 6.18 -13.77
C SER B 243 -20.64 5.11 -13.84
N LEU B 244 -21.06 3.85 -13.99
CA LEU B 244 -20.15 2.71 -14.11
C LEU B 244 -19.61 2.55 -15.54
N GLN B 245 -20.11 3.37 -16.47
CA GLN B 245 -19.68 3.28 -17.86
C GLN B 245 -19.80 1.85 -18.39
N PHE B 246 -20.87 1.18 -17.99
CA PHE B 246 -21.17 -0.20 -18.39
C PHE B 246 -22.69 -0.37 -18.57
N GLY B 247 -23.25 0.48 -19.40
CA GLY B 247 -24.67 0.45 -19.75
C GLY B 247 -25.12 -0.99 -19.91
N ASP B 248 -24.14 -1.87 -20.17
CA ASP B 248 -24.44 -3.26 -20.43
C ASP B 248 -24.89 -3.98 -19.15
N ALA B 249 -24.21 -3.70 -18.03
CA ALA B 249 -24.36 -4.35 -16.70
C ALA B 249 -25.66 -5.09 -16.35
N PRO B 250 -25.54 -6.22 -15.63
CA PRO B 250 -26.67 -7.12 -15.42
C PRO B 250 -27.53 -6.66 -14.27
N LEU B 251 -26.88 -6.44 -13.13
CA LEU B 251 -27.57 -6.10 -11.89
C LEU B 251 -28.54 -7.23 -11.57
N LEU B 252 -28.22 -8.40 -12.13
CA LEU B 252 -28.80 -9.69 -11.70
C LEU B 252 -28.11 -10.08 -10.39
N PRO B 253 -28.89 -10.60 -9.43
CA PRO B 253 -28.28 -10.94 -8.13
C PRO B 253 -27.51 -12.25 -8.16
N LEU B 254 -26.34 -12.17 -7.52
CA LEU B 254 -25.45 -13.29 -7.31
C LEU B 254 -26.38 -14.42 -6.95
N PRO B 255 -26.25 -15.58 -7.64
CA PRO B 255 -27.05 -16.82 -7.41
C PRO B 255 -26.97 -17.42 -6.00
N PHE B 256 -27.64 -16.77 -5.04
CA PHE B 256 -27.68 -17.19 -3.62
C PHE B 256 -29.06 -17.63 -3.19
N ARG B 257 -29.18 -18.86 -2.69
CA ARG B 257 -30.43 -19.28 -2.07
C ARG B 257 -30.25 -19.86 -0.67
N LYS B 258 -31.19 -19.53 0.22
CA LYS B 258 -31.27 -20.07 1.61
C LYS B 258 -30.47 -19.25 2.65
N ILE B 259 -30.32 -17.95 2.34
CA ILE B 259 -29.77 -16.98 3.28
C ILE B 259 -30.44 -17.05 4.66
N GLU B 260 -29.69 -17.49 5.68
CA GLU B 260 -30.15 -17.45 7.06
C GLU B 260 -29.10 -16.89 8.04
N ALA B 261 -29.43 -15.77 8.67
CA ALA B 261 -28.44 -14.98 9.41
C ALA B 261 -28.15 -15.59 10.78
N ARG B 262 -27.06 -16.35 10.86
CA ARG B 262 -26.53 -16.78 12.15
C ARG B 262 -26.30 -15.59 13.08
N PRO B 263 -26.39 -15.84 14.38
CA PRO B 263 -26.43 -14.75 15.36
C PRO B 263 -25.56 -13.58 14.96
N ASP B 264 -24.44 -13.87 14.30
CA ASP B 264 -23.34 -12.91 14.19
C ASP B 264 -23.68 -11.78 13.24
N GLY B 265 -24.69 -12.00 12.41
CA GLY B 265 -24.70 -11.47 11.06
C GLY B 265 -23.64 -12.10 10.17
N SER B 266 -23.55 -13.42 10.23
CA SER B 266 -22.88 -14.18 9.20
C SER B 266 -24.01 -15.06 8.70
N SER B 267 -23.91 -15.59 7.49
CA SER B 267 -25.06 -16.26 6.91
C SER B 267 -24.73 -17.60 6.26
N THR B 268 -25.62 -18.58 6.47
CA THR B 268 -25.62 -19.81 5.66
C THR B 268 -25.96 -19.38 4.21
N LEU B 269 -25.61 -20.23 3.22
CA LEU B 269 -25.60 -19.80 1.81
C LEU B 269 -25.51 -20.96 0.85
N ASP B 270 -26.41 -20.98 -0.14
CA ASP B 270 -26.32 -21.95 -1.25
C ASP B 270 -26.03 -21.27 -2.56
N ALA B 271 -24.86 -21.57 -3.09
CA ALA B 271 -24.37 -20.87 -4.28
C ALA B 271 -24.06 -21.87 -5.36
N LEU B 272 -24.33 -21.48 -6.59
CA LEU B 272 -23.67 -22.09 -7.74
C LEU B 272 -22.42 -21.22 -7.94
N LEU B 273 -21.25 -21.83 -8.19
CA LEU B 273 -20.11 -21.05 -8.68
C LEU B 273 -20.03 -21.23 -10.19
N PRO B 274 -19.34 -20.33 -10.91
CA PRO B 274 -19.03 -20.69 -12.30
C PRO B 274 -19.14 -22.22 -12.61
N GLY B 275 -18.37 -23.06 -11.90
CA GLY B 275 -18.45 -24.53 -11.97
C GLY B 275 -19.88 -25.11 -12.08
N ASP B 276 -20.58 -25.53 -10.97
CA ASP B 276 -20.06 -26.16 -9.72
C ASP B 276 -21.43 -26.32 -9.07
N SER B 277 -22.33 -26.84 -9.88
CA SER B 277 -23.77 -26.66 -9.77
C SER B 277 -24.31 -26.03 -8.48
N THR B 278 -24.14 -26.69 -7.34
CA THR B 278 -24.63 -26.11 -6.08
C THR B 278 -23.71 -26.40 -4.92
N ALA B 279 -23.79 -25.55 -3.89
CA ALA B 279 -22.77 -25.58 -2.84
C ALA B 279 -23.09 -24.83 -1.54
N ALA B 280 -23.11 -25.61 -0.45
CA ALA B 280 -23.14 -25.14 0.94
C ALA B 280 -21.92 -24.26 1.26
N PHE B 281 -22.13 -23.23 2.09
CA PHE B 281 -21.20 -22.10 2.21
C PHE B 281 -21.45 -21.19 3.41
N LEU B 282 -20.42 -20.44 3.80
CA LEU B 282 -20.59 -19.48 4.88
C LEU B 282 -20.20 -18.06 4.49
N ARG B 283 -21.08 -17.10 4.78
CA ARG B 283 -20.87 -15.71 4.37
C ARG B 283 -20.57 -14.79 5.53
N VAL B 284 -19.42 -14.16 5.45
CA VAL B 284 -19.01 -13.14 6.41
C VAL B 284 -18.83 -11.80 5.70
N GLU B 285 -18.95 -10.73 6.49
CA GLU B 285 -18.81 -9.38 5.97
C GLU B 285 -17.83 -8.59 6.80
N THR B 286 -17.22 -7.61 6.14
CA THR B 286 -16.34 -6.69 6.80
C THR B 286 -16.33 -5.39 6.00
N MET B 287 -16.00 -4.27 6.63
CA MET B 287 -15.91 -3.02 5.90
C MET B 287 -14.46 -2.94 5.48
N VAL B 288 -14.20 -2.42 4.30
CA VAL B 288 -12.85 -2.29 3.84
C VAL B 288 -12.34 -0.96 4.46
N PRO B 289 -11.38 -1.03 5.39
CA PRO B 289 -11.01 0.27 5.94
C PRO B 289 -10.53 1.20 4.83
N SER B 290 -10.78 2.51 4.99
CA SER B 290 -10.23 3.57 4.10
C SER B 290 -11.00 3.81 2.80
N THR B 291 -12.18 3.20 2.73
CA THR B 291 -12.98 3.12 1.52
C THR B 291 -14.38 3.05 2.04
N ASN B 292 -15.36 3.24 1.18
CA ASN B 292 -16.74 2.88 1.57
C ASN B 292 -17.24 1.58 0.93
N TRP B 293 -16.29 0.70 0.59
CA TRP B 293 -16.58 -0.65 0.12
C TRP B 293 -16.84 -1.60 1.25
N ARG B 294 -17.53 -2.68 0.89
CA ARG B 294 -17.83 -3.83 1.76
C ARG B 294 -17.19 -5.08 1.12
N LEU B 295 -16.65 -5.94 1.95
CA LEU B 295 -16.11 -7.21 1.50
C LEU B 295 -16.97 -8.36 2.03
N GLU B 296 -17.10 -9.41 1.23
CA GLU B 296 -17.80 -10.63 1.64
C GLU B 296 -17.04 -11.86 1.19
N GLN B 297 -16.93 -12.81 2.12
CA GLN B 297 -16.22 -14.03 1.88
C GLN B 297 -17.16 -15.21 2.12
N LEU B 298 -17.17 -16.08 1.14
CA LEU B 298 -17.89 -17.31 1.23
C LEU B 298 -16.86 -18.33 1.60
N SER B 299 -17.09 -19.03 2.69
CA SER B 299 -16.23 -20.16 3.01
C SER B 299 -16.90 -21.51 2.66
N PRO B 300 -16.13 -22.44 2.01
CA PRO B 300 -16.79 -23.73 1.66
C PRO B 300 -17.07 -24.63 2.87
N LEU B 301 -17.64 -25.81 2.56
CA LEU B 301 -17.73 -27.02 3.47
C LEU B 301 -17.66 -28.21 2.51
CA CA C . 14.26 -4.66 2.22
CA CA D . -14.17 3.67 -2.22
#